data_9J1O
#
_entry.id   9J1O
#
_cell.length_a   33.200
_cell.length_b   54.870
_cell.length_c   100.790
_cell.angle_alpha   90.00
_cell.angle_beta   90.00
_cell.angle_gamma   90.00
#
_symmetry.space_group_name_H-M   'P 21 21 21'
#
loop_
_entity.id
_entity.type
_entity.pdbx_description
1 polymer "DNA (5'-D(*(3D1)P*TP*GP*AP*AP*AP*AP*GP*GP*GP*AP*AP*TP*TP*GP*G)-3')"
2 polymer "DNA (5'-D(*(THM)P*CP*CP*AP*AP*TP*TP*CP*CP*CP*TP*TP*TP*TP*CP*A)-3')"
3 polymer 'Transcription factor Spi-B'
4 non-polymer (2R,3S,5R)-5-(6-amino-9H-purin-9-yl)-tetrahydro-2-(hydroxymethyl)furan-3-ol
5 non-polymer THYMIDINE
6 non-polymer 'TETRAETHYLENE GLYCOL'
7 water water
#
loop_
_entity_poly.entity_id
_entity_poly.type
_entity_poly.pdbx_seq_one_letter_code
_entity_poly.pdbx_strand_id
1 'polydeoxyribonucleotide' (DT)(DG)(DA)(DA)(DA)(DA)(DG)(DG)(DG)(DA)(DA)(DT)(DT)(DG)(DG) A
2 'polydeoxyribonucleotide' (DC)(DC)(DA)(DA)(DT)(DT)(DC)(DC)(DC)(DT)(DT)(DT)(DT)(DC)(DA) B
3 'polypeptide(L)'
;GSRGSEAGARKKLRLYQFLLGLLLRGDMRECVWWVEPGAGVFQFSSKHKELLARRWGQQKGNRKRMTYQKLARALRNYAK
TGEIRKVKRKLTYQFDSALLPASRHV
;
C
#
loop_
_chem_comp.id
_chem_comp.type
_chem_comp.name
_chem_comp.formula
3D1 non-polymer (2R,3S,5R)-5-(6-amino-9H-purin-9-yl)-tetrahydro-2-(hydroxymethyl)furan-3-ol 'C10 H13 N5 O3'
DA DNA linking 2'-DEOXYADENOSINE-5'-MONOPHOSPHATE 'C10 H14 N5 O6 P'
DC DNA linking 2'-DEOXYCYTIDINE-5'-MONOPHOSPHATE 'C9 H14 N3 O7 P'
DG DNA linking 2'-DEOXYGUANOSINE-5'-MONOPHOSPHATE 'C10 H14 N5 O7 P'
DT DNA linking THYMIDINE-5'-MONOPHOSPHATE 'C10 H15 N2 O8 P'
PG4 non-polymer 'TETRAETHYLENE GLYCOL' 'C8 H18 O5'
THM DNA OH 5 prime terminus THYMIDINE 'C10 H14 N2 O5'
#
# COMPACT_ATOMS: atom_id res chain seq x y z
N GLY C 8 12.90 -1.78 25.48
CA GLY C 8 13.37 -1.87 24.10
C GLY C 8 12.32 -2.37 23.11
N ALA C 9 11.50 -1.46 22.59
CA ALA C 9 10.43 -1.81 21.68
C ALA C 9 10.90 -1.65 20.24
N ARG C 10 10.74 -2.72 19.44
CA ARG C 10 11.17 -2.73 18.05
C ARG C 10 10.18 -2.00 17.15
N LYS C 11 10.71 -1.25 16.19
CA LYS C 11 9.86 -0.56 15.22
C LYS C 11 9.52 -1.47 14.05
N LYS C 12 8.31 -1.32 13.53
CA LYS C 12 7.85 -2.03 12.35
C LYS C 12 7.24 -1.01 11.40
N LEU C 13 7.21 -1.38 10.12
CA LEU C 13 6.69 -0.48 9.11
C LEU C 13 5.18 -0.37 9.20
N ARG C 14 4.68 0.81 8.84
CA ARG C 14 3.27 1.03 8.68
C ARG C 14 2.89 0.66 7.25
N LEU C 15 1.61 0.39 7.02
CA LEU C 15 1.22 -0.07 5.69
C LEU C 15 1.54 0.98 4.64
N TYR C 16 1.20 2.25 4.91
CA TYR C 16 1.43 3.29 3.91
C TYR C 16 2.92 3.43 3.56
N GLN C 17 3.80 3.18 4.53
CA GLN C 17 5.25 3.25 4.28
C GLN C 17 5.70 2.08 3.42
N PHE C 18 5.26 0.87 3.77
CA PHE C 18 5.55 -0.30 2.97
C PHE C 18 5.20 -0.08 1.51
N LEU C 19 3.97 0.36 1.26
CA LEU C 19 3.51 0.60 -0.11
C LEU C 19 4.29 1.71 -0.78
N LEU C 20 4.49 2.83 -0.06
CA LEU C 20 5.19 3.96 -0.67
C LEU C 20 6.62 3.58 -1.03
N GLY C 21 7.25 2.74 -0.20
CA GLY C 21 8.59 2.29 -0.51
C GLY C 21 8.62 1.40 -1.74
N LEU C 22 7.68 0.46 -1.85
CA LEU C 22 7.54 -0.35 -3.05
C LEU C 22 7.45 0.51 -4.29
N LEU C 23 6.60 1.52 -4.26
CA LEU C 23 6.37 2.34 -5.44
C LEU C 23 7.60 3.16 -5.79
N LEU C 24 8.21 3.78 -4.78
CA LEU C 24 9.34 4.66 -5.04
C LEU C 24 10.51 3.89 -5.62
N ARG C 25 10.72 2.65 -5.18
CA ARG C 25 11.85 1.87 -5.66
C ARG C 25 11.55 1.06 -6.91
N GLY C 26 10.31 1.04 -7.40
CA GLY C 26 9.99 0.18 -8.51
C GLY C 26 10.06 -1.30 -8.19
N ASP C 27 9.76 -1.68 -6.96
CA ASP C 27 9.66 -3.08 -6.59
C ASP C 27 8.23 -3.57 -6.73
N MET C 28 8.10 -4.86 -7.04
CA MET C 28 6.80 -5.50 -7.25
C MET C 28 5.95 -4.65 -8.18
N ARG C 29 6.56 -4.22 -9.29
CA ARG C 29 5.88 -3.37 -10.27
C ARG C 29 4.81 -4.13 -11.04
N GLU C 30 4.77 -5.46 -10.91
CA GLU C 30 3.67 -6.24 -11.46
C GLU C 30 2.47 -6.28 -10.52
N CYS C 31 2.61 -5.83 -9.28
CA CYS C 31 1.55 -5.89 -8.28
C CYS C 31 0.97 -4.53 -7.92
N VAL C 32 1.74 -3.46 -8.09
CA VAL C 32 1.26 -2.12 -7.81
C VAL C 32 2.07 -1.17 -8.65
N TRP C 33 1.46 -0.07 -9.07
CA TRP C 33 2.13 0.90 -9.92
C TRP C 33 1.47 2.25 -9.73
N TRP C 34 2.22 3.30 -10.05
CA TRP C 34 1.65 4.63 -10.11
C TRP C 34 0.66 4.72 -11.28
N VAL C 35 -0.50 5.32 -11.02
CA VAL C 35 -1.43 5.68 -12.08
C VAL C 35 -1.24 7.12 -12.52
N GLU C 36 -1.16 8.04 -11.55
CA GLU C 36 -0.80 9.43 -11.81
C GLU C 36 0.19 9.80 -10.71
N PRO C 37 1.49 9.63 -10.97
CA PRO C 37 2.47 9.77 -9.87
C PRO C 37 2.51 11.16 -9.27
N GLY C 38 2.46 12.19 -10.11
CA GLY C 38 2.44 13.55 -9.59
C GLY C 38 1.28 13.80 -8.64
N ALA C 39 0.17 13.12 -8.84
CA ALA C 39 -0.99 13.25 -7.96
C ALA C 39 -0.96 12.25 -6.79
N GLY C 40 0.00 11.34 -6.78
CA GLY C 40 0.06 10.34 -5.72
C GLY C 40 -0.89 9.18 -5.88
N VAL C 41 -1.43 8.95 -7.07
CA VAL C 41 -2.48 7.97 -7.30
C VAL C 41 -1.84 6.67 -7.78
N PHE C 42 -2.14 5.57 -7.10
CA PHE C 42 -1.59 4.27 -7.46
C PHE C 42 -2.69 3.22 -7.48
N GLN C 43 -2.37 2.04 -8.02
CA GLN C 43 -3.37 1.00 -8.23
C GLN C 43 -2.72 -0.37 -8.13
N PHE C 44 -3.50 -1.33 -7.61
CA PHE C 44 -3.05 -2.70 -7.47
C PHE C 44 -3.44 -3.53 -8.68
N SER C 45 -2.63 -4.55 -8.95
CA SER C 45 -2.92 -5.50 -10.01
C SER C 45 -4.08 -6.38 -9.59
N SER C 46 -5.06 -6.55 -10.48
CA SER C 46 -6.18 -7.41 -10.15
C SER C 46 -5.74 -8.87 -10.02
N LYS C 47 -4.71 -9.28 -10.76
CA LYS C 47 -4.36 -10.69 -10.75
C LYS C 47 -3.21 -11.01 -9.80
N HIS C 48 -2.31 -10.06 -9.56
CA HIS C 48 -1.09 -10.36 -8.81
C HIS C 48 -1.02 -9.62 -7.48
N LYS C 49 -2.15 -9.12 -6.96
CA LYS C 49 -2.11 -8.33 -5.74
C LYS C 49 -1.86 -9.20 -4.51
N GLU C 50 -2.23 -10.49 -4.55
CA GLU C 50 -2.07 -11.29 -3.35
C GLU C 50 -0.60 -11.60 -3.10
N LEU C 51 0.24 -11.51 -4.13
CA LEU C 51 1.67 -11.69 -3.92
C LEU C 51 2.24 -10.56 -3.09
N LEU C 52 1.87 -9.32 -3.41
CA LEU C 52 2.25 -8.19 -2.58
C LEU C 52 1.65 -8.34 -1.19
N ALA C 53 0.43 -8.86 -1.10
CA ALA C 53 -0.20 -9.05 0.21
C ALA C 53 0.64 -9.99 1.07
N ARG C 54 1.03 -11.14 0.51
CA ARG C 54 1.83 -12.09 1.27
C ARG C 54 3.18 -11.48 1.65
N ARG C 55 3.77 -10.71 0.73
CA ARG C 55 5.03 -10.01 1.03
C ARG C 55 4.86 -9.05 2.22
N TRP C 56 3.69 -8.39 2.31
CA TRP C 56 3.39 -7.52 3.46
C TRP C 56 3.30 -8.34 4.75
N GLY C 57 2.57 -9.46 4.71
CA GLY C 57 2.51 -10.31 5.89
C GLY C 57 3.87 -10.74 6.37
N GLN C 58 4.74 -11.16 5.43
CA GLN C 58 6.07 -11.60 5.80
C GLN C 58 6.85 -10.45 6.39
N GLN C 59 6.78 -9.28 5.75
CA GLN C 59 7.47 -8.07 6.21
C GLN C 59 7.19 -7.79 7.68
N LYS C 60 5.95 -8.02 8.13
CA LYS C 60 5.54 -7.73 9.49
C LYS C 60 5.66 -8.94 10.41
N GLY C 61 5.95 -10.11 9.86
CA GLY C 61 6.08 -11.31 10.64
C GLY C 61 4.81 -11.73 11.36
N ASN C 62 3.66 -11.64 10.68
CA ASN C 62 2.38 -11.99 11.27
C ASN C 62 2.22 -13.50 11.34
N ARG C 63 1.26 -13.95 12.15
CA ARG C 63 1.13 -15.39 12.36
C ARG C 63 0.35 -16.05 11.24
N LYS C 64 -0.50 -15.31 10.55
CA LYS C 64 -1.34 -15.84 9.49
C LYS C 64 -0.90 -15.23 8.16
N ARG C 65 -1.24 -15.92 7.08
CA ARG C 65 -0.91 -15.43 5.75
C ARG C 65 -1.69 -14.14 5.47
N MET C 66 -1.01 -13.14 4.92
CA MET C 66 -1.68 -11.87 4.63
C MET C 66 -2.31 -11.90 3.24
N THR C 67 -3.59 -11.58 3.17
CA THR C 67 -4.35 -11.51 1.93
C THR C 67 -4.70 -10.07 1.63
N TYR C 68 -5.10 -9.80 0.38
CA TYR C 68 -5.38 -8.42 0.01
C TYR C 68 -6.66 -7.94 0.66
N GLN C 69 -7.57 -8.87 0.98
CA GLN C 69 -8.78 -8.48 1.68
C GLN C 69 -8.40 -7.85 3.00
N LYS C 70 -7.57 -8.56 3.79
CA LYS C 70 -7.14 -8.04 5.08
C LYS C 70 -6.26 -6.80 4.89
N LEU C 71 -5.54 -6.73 3.76
CA LEU C 71 -4.72 -5.54 3.50
C LEU C 71 -5.60 -4.34 3.19
N ALA C 72 -6.61 -4.53 2.32
CA ALA C 72 -7.52 -3.44 2.01
C ALA C 72 -8.32 -3.04 3.23
N ARG C 73 -8.69 -4.04 4.05
CA ARG C 73 -9.38 -3.74 5.30
C ARG C 73 -8.51 -2.81 6.15
N ALA C 74 -7.20 -3.07 6.18
CA ALA C 74 -6.30 -2.21 6.96
C ALA C 74 -6.27 -0.80 6.36
N LEU C 75 -6.17 -0.71 5.03
CA LEU C 75 -6.13 0.60 4.36
C LEU C 75 -7.39 1.40 4.64
N ARG C 76 -8.52 0.74 4.94
CA ARG C 76 -9.75 1.51 5.13
C ARG C 76 -9.62 2.44 6.33
N ASN C 77 -8.80 2.07 7.31
CA ASN C 77 -8.71 2.86 8.53
C ASN C 77 -7.99 4.18 8.30
N TYR C 78 -7.18 4.26 7.24
CA TYR C 78 -6.44 5.50 7.02
C TYR C 78 -7.38 6.66 6.70
N ALA C 79 -8.65 6.39 6.38
CA ALA C 79 -9.58 7.50 6.18
C ALA C 79 -9.63 8.38 7.41
N LYS C 80 -9.38 7.80 8.59
CA LYS C 80 -9.40 8.58 9.82
C LYS C 80 -8.23 9.56 9.89
N THR C 81 -7.03 9.13 9.52
CA THR C 81 -5.84 9.97 9.66
C THR C 81 -5.36 10.57 8.35
N GLY C 82 -5.77 10.01 7.21
CA GLY C 82 -5.63 10.66 5.93
C GLY C 82 -4.36 10.38 5.15
N GLU C 83 -3.54 9.41 5.54
CA GLU C 83 -2.32 9.14 4.79
C GLU C 83 -2.64 8.55 3.43
N ILE C 84 -3.67 7.71 3.36
CA ILE C 84 -4.15 7.10 2.13
C ILE C 84 -5.67 7.19 2.12
N ARG C 85 -6.22 7.50 0.95
CA ARG C 85 -7.65 7.42 0.71
C ARG C 85 -7.92 6.54 -0.50
N LYS C 86 -9.07 5.87 -0.48
CA LYS C 86 -9.53 5.13 -1.65
C LYS C 86 -9.98 6.12 -2.73
N VAL C 87 -9.65 5.84 -3.98
CA VAL C 87 -10.12 6.62 -5.12
C VAL C 87 -11.24 5.86 -5.82
N LYS C 88 -12.12 6.60 -6.51
CA LYS C 88 -13.26 5.99 -7.19
C LYS C 88 -12.81 5.32 -8.47
N ARG C 89 -11.82 4.44 -8.37
CA ARG C 89 -11.33 3.64 -9.47
C ARG C 89 -10.97 2.28 -8.92
N LYS C 90 -11.19 1.24 -9.74
CA LYS C 90 -10.99 -0.14 -9.30
C LYS C 90 -9.59 -0.34 -8.73
N LEU C 91 -9.54 -0.89 -7.51
CA LEU C 91 -8.28 -1.13 -6.78
C LEU C 91 -7.34 0.07 -6.79
N THR C 92 -7.89 1.28 -6.78
CA THR C 92 -7.06 2.49 -6.87
C THR C 92 -7.09 3.26 -5.56
N TYR C 93 -5.93 3.80 -5.16
CA TYR C 93 -5.80 4.57 -3.93
C TYR C 93 -4.94 5.81 -4.18
N GLN C 94 -4.89 6.70 -3.18
CA GLN C 94 -4.15 7.96 -3.32
C GLN C 94 -3.45 8.29 -2.02
N PHE C 95 -2.15 8.57 -2.11
CA PHE C 95 -1.38 9.07 -0.98
C PHE C 95 -1.68 10.55 -0.74
N ASP C 96 -1.60 10.95 0.53
CA ASP C 96 -1.62 12.38 0.84
C ASP C 96 -0.40 13.03 0.20
N SER C 97 -0.58 14.27 -0.28
CA SER C 97 0.50 14.92 -1.00
C SER C 97 1.68 15.27 -0.09
N ALA C 98 1.47 15.30 1.23
CA ALA C 98 2.58 15.55 2.14
C ALA C 98 3.54 14.38 2.24
N LEU C 99 3.22 13.26 1.58
CA LEU C 99 4.14 12.13 1.44
C LEU C 99 4.88 12.13 0.12
N LEU C 100 4.69 13.14 -0.73
CA LEU C 100 5.31 13.21 -2.03
C LEU C 100 6.22 14.42 -2.14
N PRO C 101 7.26 14.36 -2.98
CA PRO C 101 8.07 15.55 -3.23
C PRO C 101 7.26 16.68 -3.84
N ALA C 102 7.89 17.85 -3.91
CA ALA C 102 7.28 19.10 -4.37
C ALA C 102 6.34 18.95 -5.56
O5' 3D1 D . -27.47 -17.80 -19.36
C5' 3D1 D . -27.87 -17.64 -18.00
C4' 3D1 D . -27.13 -18.58 -17.10
O4' 3D1 D . -25.71 -18.33 -17.17
C1' 3D1 D . -25.33 -17.49 -16.08
N9 3D1 D . -24.76 -16.25 -16.61
C4 3D1 D . -25.38 -15.09 -17.01
N3 3D1 D . -26.69 -14.79 -16.95
C2 3D1 D . -26.93 -13.57 -17.41
N1 3D1 D . -26.07 -12.65 -17.87
C6 3D1 D . -24.76 -12.97 -17.91
N6 3D1 D . -23.89 -12.07 -18.38
C5 3D1 D . -24.38 -14.24 -17.46
N7 3D1 D . -23.15 -14.89 -17.37
C8 3D1 D . -23.42 -16.06 -16.87
C2' 3D1 D . -26.55 -17.30 -15.20
C3' 3D1 D . -27.47 -18.45 -15.63
O3' 3D1 D . -27.15 -19.66 -14.95
O5' THM E . -4.18 0.40 30.91
C5' THM E . -3.89 1.76 31.21
C4' THM E . -3.40 2.51 29.99
O4' THM E . -2.14 1.93 29.54
C3' THM E . -4.36 2.43 28.80
O3' THM E . -4.41 3.70 28.15
C2' THM E . -3.72 1.37 27.92
C1' THM E . -2.24 1.60 28.17
N1 THM E . -1.40 0.40 27.93
C2 THM E . -0.27 0.53 27.15
O2 THM E . 0.05 1.58 26.62
N3 THM E . 0.44 -0.63 26.98
C4 THM E . 0.15 -1.88 27.50
O4 THM E . 0.89 -2.83 27.27
C5 THM E . -1.05 -1.93 28.32
C5M THM E . -1.43 -3.24 28.94
C6 THM E . -1.75 -0.81 28.49
O1 PG4 F . 6.78 1.41 16.82
C1 PG4 F . 6.57 2.71 16.28
C2 PG4 F . 6.20 2.65 14.83
O2 PG4 F . 6.60 3.85 14.18
C3 PG4 F . 5.60 4.34 13.29
C4 PG4 F . 5.72 5.81 13.08
O3 PG4 F . 5.36 6.57 14.23
C5 PG4 F . 4.35 5.89 14.97
C6 PG4 F . 4.33 6.43 16.36
O4 PG4 F . 4.29 5.37 17.32
C7 PG4 F . 3.33 5.71 18.30
C8 PG4 F . 2.77 4.47 18.91
O5 PG4 F . 2.07 4.80 20.10
#